data_3KV9
#
_entry.id   3KV9
#
_cell.length_a   77.900
_cell.length_b   77.900
_cell.length_c   289.700
_cell.angle_alpha   90.00
_cell.angle_beta   90.00
_cell.angle_gamma   120.00
#
_symmetry.space_group_name_H-M   'P 61 2 2'
#
loop_
_entity.id
_entity.type
_entity.pdbx_description
1 polymer 'JmjC domain-containing histone demethylation protein 1D'
2 non-polymer 'FE (II) ION'
3 non-polymer 'OXYGEN MOLECULE'
4 water water
#
_entity_poly.entity_id   1
_entity_poly.type   'polypeptide(L)'
_entity_poly.pdbx_seq_one_letter_code
;SLMKKRRNWHRHDYTEIDDGSKPVQAGTRTFIKELRSRVFPSADEIIIKMHGSQLTQRYLEKHGFDVPIMVPKLDDLGLR
LPSPTFSVMDVERYVGGDKVIDVIDVARQADSKMTLHNYVKYFMNPNRPKVLNVISLEFSDTKMSELVEVPDIAKKLSWV
ENYWPDDSVFPKPFVQKYCLMGVQDSYTDFHIDFGGTSVWYHVLWGEKIFYLIKPTDENLARYESWSSSVTQSEVFFGDK
VDKCYKCVVKQGHTLFVPTGWIHAVLTSQDCMAFGGNFLHNLNIGMQLRCYEMEKRLKTPDLFKFPFFEAICWFVAKNLL
ETLKELREDGFQPQTYLVQGVKALHTALKLWMKKELVSEHAFEIPDNVRPGHLIKELSKVIRAIEEENGKPVKSQGI
;
_entity_poly.pdbx_strand_id   A
#
# COMPACT_ATOMS: atom_id res chain seq x y z
N PRO A 23 -3.06 21.00 23.74
CA PRO A 23 -3.29 20.13 22.57
C PRO A 23 -2.35 18.91 22.62
N VAL A 24 -2.89 17.73 22.32
CA VAL A 24 -2.12 16.51 22.32
C VAL A 24 -1.54 16.29 20.93
N GLN A 25 -0.22 16.26 20.84
CA GLN A 25 0.46 16.08 19.57
C GLN A 25 0.64 14.60 19.26
N ALA A 26 0.33 14.23 18.03
CA ALA A 26 0.47 12.84 17.60
C ALA A 26 1.89 12.38 17.82
N GLY A 27 2.05 11.16 18.35
CA GLY A 27 3.37 10.62 18.56
C GLY A 27 3.96 10.79 19.93
N THR A 28 3.53 11.79 20.71
CA THR A 28 4.09 11.99 22.04
C THR A 28 3.56 11.02 23.07
N ARG A 29 4.29 10.91 24.18
CA ARG A 29 3.98 10.03 25.31
C ARG A 29 2.54 10.16 25.79
N THR A 30 2.04 11.40 25.84
CA THR A 30 0.67 11.68 26.26
C THR A 30 -0.31 11.10 25.24
N PHE A 31 0.00 11.29 23.97
CA PHE A 31 -0.83 10.77 22.89
C PHE A 31 -0.91 9.25 22.96
N ILE A 32 0.22 8.60 23.24
CA ILE A 32 0.29 7.14 23.31
C ILE A 32 -0.45 6.58 24.53
N LYS A 33 -0.51 7.35 25.61
CA LYS A 33 -1.23 6.90 26.81
C LYS A 33 -2.72 6.81 26.47
N GLU A 34 -3.23 7.81 25.76
CA GLU A 34 -4.63 7.76 25.36
C GLU A 34 -4.88 6.59 24.41
N LEU A 35 -4.11 6.54 23.32
CA LEU A 35 -4.25 5.48 22.32
C LEU A 35 -4.29 4.09 22.96
N ARG A 36 -3.37 3.84 23.88
CA ARG A 36 -3.29 2.54 24.55
C ARG A 36 -4.42 2.27 25.52
N SER A 37 -5.17 3.30 25.89
CA SER A 37 -6.24 3.09 26.84
C SER A 37 -7.64 2.97 26.19
N ARG A 38 -7.80 3.49 24.98
N ARG A 38 -7.80 3.48 24.97
CA ARG A 38 -9.10 3.39 24.30
CA ARG A 38 -9.09 3.40 24.30
C ARG A 38 -9.35 1.97 23.83
C ARG A 38 -9.35 1.97 23.84
N VAL A 39 -10.58 1.51 23.99
CA VAL A 39 -10.95 0.15 23.56
C VAL A 39 -11.81 0.25 22.28
N PHE A 40 -11.16 0.50 21.14
CA PHE A 40 -11.84 0.65 19.84
C PHE A 40 -12.59 -0.59 19.42
N PRO A 41 -13.45 -0.45 18.41
CA PRO A 41 -14.17 -1.66 17.99
C PRO A 41 -13.12 -2.64 17.45
N SER A 42 -13.38 -3.93 17.60
CA SER A 42 -12.44 -4.94 17.16
C SER A 42 -12.44 -5.09 15.64
N ALA A 43 -11.25 -5.25 15.08
CA ALA A 43 -11.16 -5.44 13.64
C ALA A 43 -11.84 -6.79 13.29
N ASP A 44 -12.16 -7.61 14.29
CA ASP A 44 -12.84 -8.88 14.04
C ASP A 44 -14.25 -8.65 13.46
N GLU A 45 -14.74 -7.43 13.57
CA GLU A 45 -16.06 -7.14 13.05
C GLU A 45 -16.07 -7.00 11.55
N ILE A 46 -14.91 -6.75 10.95
CA ILE A 46 -14.82 -6.52 9.51
C ILE A 46 -13.83 -7.37 8.71
N ILE A 47 -12.76 -7.84 9.33
CA ILE A 47 -11.79 -8.61 8.58
C ILE A 47 -12.18 -10.06 8.40
N ILE A 48 -11.54 -10.71 7.45
CA ILE A 48 -11.80 -12.10 7.17
C ILE A 48 -10.53 -12.86 7.49
N LYS A 49 -10.63 -13.86 8.36
CA LYS A 49 -9.47 -14.67 8.71
C LYS A 49 -9.51 -15.92 7.85
N MET A 50 -8.38 -16.31 7.28
CA MET A 50 -8.36 -17.51 6.46
C MET A 50 -7.00 -18.19 6.42
N HIS A 51 -6.98 -19.43 5.95
CA HIS A 51 -5.74 -20.18 5.83
C HIS A 51 -5.10 -19.75 4.51
N GLY A 52 -3.78 -19.79 4.47
CA GLY A 52 -3.07 -19.41 3.27
C GLY A 52 -3.53 -20.06 1.96
N SER A 53 -4.00 -21.31 2.02
CA SER A 53 -4.46 -22.00 0.81
C SER A 53 -5.80 -21.50 0.27
N GLN A 54 -6.57 -20.82 1.10
CA GLN A 54 -7.85 -20.31 0.63
C GLN A 54 -7.69 -18.96 -0.08
N LEU A 55 -6.61 -18.24 0.24
CA LEU A 55 -6.41 -16.93 -0.38
C LEU A 55 -5.89 -17.06 -1.81
N THR A 56 -6.83 -17.12 -2.76
CA THR A 56 -6.47 -17.26 -4.16
C THR A 56 -7.04 -16.13 -5.02
N GLN A 57 -6.44 -15.93 -6.19
CA GLN A 57 -6.91 -14.92 -7.09
C GLN A 57 -8.39 -15.21 -7.36
N ARG A 58 -8.70 -16.49 -7.48
CA ARG A 58 -10.05 -16.96 -7.74
C ARG A 58 -11.01 -16.52 -6.64
N TYR A 59 -10.69 -16.82 -5.38
CA TYR A 59 -11.54 -16.39 -4.29
C TYR A 59 -11.77 -14.87 -4.35
N LEU A 60 -10.69 -14.09 -4.45
CA LEU A 60 -10.82 -12.63 -4.49
C LEU A 60 -11.70 -12.12 -5.63
N GLU A 61 -11.63 -12.74 -6.79
CA GLU A 61 -12.47 -12.31 -7.91
C GLU A 61 -13.95 -12.58 -7.67
N LYS A 62 -14.26 -13.57 -6.83
CA LYS A 62 -15.65 -13.90 -6.56
C LYS A 62 -16.20 -13.14 -5.37
N HIS A 63 -15.42 -13.05 -4.31
CA HIS A 63 -15.90 -12.34 -3.12
C HIS A 63 -15.36 -10.90 -3.01
N GLY A 64 -14.44 -10.53 -3.89
CA GLY A 64 -13.86 -9.20 -3.85
C GLY A 64 -12.79 -9.08 -2.78
N PHE A 65 -12.04 -7.98 -2.83
CA PHE A 65 -10.97 -7.70 -1.86
C PHE A 65 -11.32 -6.31 -1.32
N ASP A 66 -12.33 -6.27 -0.45
CA ASP A 66 -12.83 -5.05 0.14
C ASP A 66 -12.55 -4.83 1.63
N VAL A 67 -12.08 -5.86 2.30
CA VAL A 67 -11.78 -5.74 3.72
C VAL A 67 -10.44 -6.43 3.97
N PRO A 68 -9.76 -6.08 5.08
CA PRO A 68 -8.47 -6.69 5.36
C PRO A 68 -8.61 -8.19 5.57
N ILE A 69 -7.58 -8.94 5.17
CA ILE A 69 -7.58 -10.38 5.33
C ILE A 69 -6.41 -10.71 6.24
N MET A 70 -6.69 -11.54 7.24
CA MET A 70 -5.69 -11.99 8.18
C MET A 70 -5.44 -13.47 7.97
N VAL A 71 -4.17 -13.85 7.89
CA VAL A 71 -3.75 -15.23 7.73
C VAL A 71 -2.82 -15.42 8.91
N PRO A 72 -3.35 -15.98 10.01
CA PRO A 72 -2.56 -16.22 11.24
C PRO A 72 -1.31 -17.08 11.10
N LYS A 73 -1.35 -18.07 10.23
CA LYS A 73 -0.20 -18.95 10.01
C LYS A 73 0.29 -18.77 8.59
N LEU A 74 1.60 -18.78 8.38
CA LEU A 74 2.12 -18.56 7.04
C LEU A 74 2.10 -19.77 6.10
N ASP A 75 1.55 -20.88 6.55
CA ASP A 75 1.48 -22.10 5.74
C ASP A 75 0.75 -21.86 4.42
N ASP A 76 1.40 -22.20 3.31
CA ASP A 76 0.81 -22.08 1.98
C ASP A 76 0.69 -20.66 1.39
N LEU A 77 1.27 -19.66 2.03
CA LEU A 77 1.18 -18.31 1.47
C LEU A 77 2.23 -18.18 0.36
N GLY A 78 3.28 -18.98 0.42
CA GLY A 78 4.35 -18.90 -0.55
C GLY A 78 5.37 -17.90 -0.02
N LEU A 79 5.09 -17.41 1.18
CA LEU A 79 5.94 -16.43 1.85
C LEU A 79 7.13 -17.08 2.54
N ARG A 80 8.33 -16.68 2.14
CA ARG A 80 9.54 -17.22 2.73
C ARG A 80 10.34 -16.07 3.33
N LEU A 81 10.93 -16.29 4.50
CA LEU A 81 11.73 -15.26 5.15
C LEU A 81 12.58 -15.83 6.29
N PRO A 82 13.60 -15.08 6.73
CA PRO A 82 14.45 -15.58 7.82
C PRO A 82 13.66 -16.06 9.05
N SER A 83 14.34 -16.81 9.90
CA SER A 83 13.73 -17.34 11.11
C SER A 83 13.44 -16.21 12.08
N PRO A 84 12.64 -16.49 13.11
CA PRO A 84 12.25 -15.53 14.13
C PRO A 84 13.40 -14.92 14.93
N THR A 85 14.61 -15.45 14.77
CA THR A 85 15.74 -14.88 15.49
C THR A 85 16.55 -13.88 14.66
N PHE A 86 16.11 -13.65 13.42
CA PHE A 86 16.79 -12.69 12.56
C PHE A 86 16.78 -11.37 13.34
N SER A 87 17.96 -10.78 13.53
CA SER A 87 18.07 -9.54 14.30
C SER A 87 18.37 -8.33 13.44
N VAL A 88 18.33 -7.15 14.05
CA VAL A 88 18.60 -5.91 13.34
C VAL A 88 20.07 -5.86 12.93
N MET A 89 20.89 -6.61 13.65
CA MET A 89 22.33 -6.68 13.39
C MET A 89 22.47 -7.38 12.03
N ASP A 90 21.70 -8.45 11.86
CA ASP A 90 21.69 -9.23 10.64
C ASP A 90 21.24 -8.37 9.47
N VAL A 91 20.24 -7.51 9.68
CA VAL A 91 19.78 -6.64 8.59
C VAL A 91 20.92 -5.75 8.16
N GLU A 92 21.68 -5.27 9.15
CA GLU A 92 22.83 -4.42 8.88
C GLU A 92 23.87 -5.19 8.05
N ARG A 93 24.06 -6.47 8.36
CA ARG A 93 25.01 -7.27 7.61
C ARG A 93 24.61 -7.37 6.13
N TYR A 94 23.43 -7.95 5.89
CA TYR A 94 22.91 -8.15 4.55
C TYR A 94 22.63 -6.89 3.73
N VAL A 95 22.34 -5.78 4.41
CA VAL A 95 22.04 -4.53 3.72
C VAL A 95 23.24 -3.60 3.61
N GLY A 96 23.98 -3.46 4.70
CA GLY A 96 25.14 -2.59 4.73
C GLY A 96 24.90 -1.33 5.55
N GLY A 97 25.49 -1.29 6.75
CA GLY A 97 25.30 -0.16 7.64
C GLY A 97 25.50 1.22 7.06
N ASP A 98 26.17 1.29 5.92
CA ASP A 98 26.45 2.56 5.28
C ASP A 98 25.25 3.16 4.58
N LYS A 99 24.31 2.31 4.17
CA LYS A 99 23.12 2.79 3.49
C LYS A 99 22.38 3.84 4.32
N VAL A 100 22.09 4.99 3.71
CA VAL A 100 21.36 6.05 4.42
C VAL A 100 19.87 5.74 4.31
N ILE A 101 19.20 5.67 5.46
CA ILE A 101 17.78 5.34 5.48
C ILE A 101 16.90 6.39 6.14
N ASP A 102 15.63 6.41 5.73
CA ASP A 102 14.64 7.32 6.29
C ASP A 102 14.27 6.80 7.67
N VAL A 103 14.20 7.69 8.64
CA VAL A 103 13.85 7.33 10.00
C VAL A 103 12.84 8.34 10.50
N ILE A 104 11.84 7.89 11.24
CA ILE A 104 10.87 8.85 11.75
C ILE A 104 11.09 9.16 13.21
N ASP A 105 11.20 10.46 13.51
CA ASP A 105 11.31 10.93 14.89
C ASP A 105 9.84 10.98 15.27
N VAL A 106 9.35 9.90 15.86
CA VAL A 106 7.94 9.77 16.22
C VAL A 106 7.33 10.91 17.05
N ALA A 107 8.02 11.36 18.09
CA ALA A 107 7.48 12.43 18.93
C ALA A 107 7.27 13.74 18.17
N ARG A 108 8.06 13.98 17.12
CA ARG A 108 7.90 15.20 16.33
C ARG A 108 7.17 14.92 15.02
N GLN A 109 6.90 13.64 14.75
CA GLN A 109 6.23 13.27 13.49
C GLN A 109 6.98 13.93 12.33
N ALA A 110 8.30 13.78 12.33
CA ALA A 110 9.15 14.35 11.29
C ALA A 110 10.07 13.30 10.69
N ASP A 111 10.39 13.49 9.41
CA ASP A 111 11.28 12.59 8.69
C ASP A 111 12.72 13.04 8.92
N SER A 112 13.59 12.08 9.17
CA SER A 112 15.00 12.35 9.41
C SER A 112 15.80 11.29 8.65
N LYS A 113 17.12 11.41 8.71
CA LYS A 113 18.00 10.46 8.05
C LYS A 113 18.97 9.84 9.03
N MET A 114 19.54 8.71 8.65
CA MET A 114 20.49 8.00 9.48
C MET A 114 21.19 6.95 8.65
N THR A 115 22.27 6.42 9.19
CA THR A 115 22.99 5.36 8.51
C THR A 115 22.35 4.14 9.12
N LEU A 116 22.15 3.09 8.32
CA LEU A 116 21.56 1.88 8.87
C LEU A 116 22.38 1.47 10.09
N HIS A 117 23.68 1.76 10.04
CA HIS A 117 24.63 1.44 11.13
C HIS A 117 24.29 2.11 12.47
N ASN A 118 23.97 3.40 12.42
CA ASN A 118 23.64 4.13 13.62
C ASN A 118 22.23 3.82 14.12
N TYR A 119 21.34 3.44 13.22
CA TYR A 119 19.99 3.13 13.65
C TYR A 119 20.07 1.86 14.47
N VAL A 120 20.89 0.92 14.00
CA VAL A 120 21.06 -0.33 14.70
C VAL A 120 21.81 -0.09 16.00
N LYS A 121 22.69 0.90 16.00
CA LYS A 121 23.42 1.22 17.22
C LYS A 121 22.42 1.79 18.22
N TYR A 122 21.52 2.64 17.72
CA TYR A 122 20.47 3.25 18.54
C TYR A 122 19.48 2.19 18.99
N PHE A 123 19.18 1.26 18.11
CA PHE A 123 18.21 0.24 18.43
C PHE A 123 18.65 -0.67 19.55
N MET A 124 19.89 -1.13 19.51
N MET A 124 19.89 -1.12 19.51
CA MET A 124 20.40 -2.03 20.53
CA MET A 124 20.40 -2.02 20.53
C MET A 124 20.78 -1.35 21.84
C MET A 124 20.76 -1.35 21.84
N ASN A 125 20.94 -0.02 21.82
CA ASN A 125 21.27 0.69 23.04
C ASN A 125 20.05 0.58 23.94
N PRO A 126 20.21 -0.02 25.12
CA PRO A 126 19.10 -0.20 26.07
C PRO A 126 18.39 1.09 26.45
N ASN A 127 19.12 2.20 26.52
CA ASN A 127 18.52 3.47 26.86
C ASN A 127 18.31 4.38 25.64
N ARG A 128 17.09 4.39 25.12
CA ARG A 128 16.77 5.21 23.94
C ARG A 128 16.25 6.60 24.30
N PRO A 129 17.03 7.63 23.99
CA PRO A 129 16.67 9.02 24.27
C PRO A 129 15.47 9.51 23.43
N LYS A 130 15.15 8.77 22.39
CA LYS A 130 14.03 9.13 21.52
C LYS A 130 13.42 7.89 20.89
N VAL A 131 12.18 8.04 20.45
CA VAL A 131 11.46 6.95 19.81
C VAL A 131 11.65 7.14 18.31
N LEU A 132 12.41 6.23 17.71
CA LEU A 132 12.70 6.33 16.29
C LEU A 132 12.19 5.13 15.53
N ASN A 133 11.62 5.39 14.35
CA ASN A 133 11.04 4.34 13.54
C ASN A 133 11.51 4.29 12.10
N VAL A 134 11.67 3.08 11.58
CA VAL A 134 12.09 2.85 10.20
C VAL A 134 10.96 2.10 9.47
N ILE A 135 10.34 2.74 8.50
CA ILE A 135 9.25 2.09 7.79
C ILE A 135 9.36 2.06 6.27
N SER A 136 10.42 2.63 5.69
CA SER A 136 10.55 2.68 4.23
C SER A 136 11.80 2.00 3.68
N LEU A 137 12.36 1.04 4.40
CA LEU A 137 13.58 0.36 3.95
C LEU A 137 13.36 -0.76 2.92
N GLU A 138 13.37 -0.39 1.64
CA GLU A 138 13.17 -1.33 0.54
C GLU A 138 14.50 -2.01 0.24
N PHE A 139 14.56 -3.33 0.36
CA PHE A 139 15.82 -4.05 0.16
C PHE A 139 15.89 -5.04 -0.99
N SER A 140 15.10 -4.84 -2.05
CA SER A 140 15.14 -5.79 -3.14
C SER A 140 16.42 -5.60 -3.96
N ASP A 141 17.13 -4.51 -3.68
CA ASP A 141 18.38 -4.17 -4.36
C ASP A 141 19.56 -4.53 -3.46
N THR A 142 19.37 -5.48 -2.55
CA THR A 142 20.44 -5.84 -1.62
C THR A 142 20.54 -7.34 -1.40
N LYS A 143 21.62 -7.76 -0.75
CA LYS A 143 21.87 -9.17 -0.47
C LYS A 143 20.77 -9.78 0.39
N MET A 144 20.06 -8.93 1.14
CA MET A 144 19.00 -9.44 2.01
C MET A 144 17.79 -9.88 1.18
N SER A 145 17.74 -9.45 -0.08
CA SER A 145 16.62 -9.80 -0.93
C SER A 145 16.44 -11.31 -1.15
N GLU A 146 17.55 -12.04 -1.21
CA GLU A 146 17.55 -13.48 -1.44
C GLU A 146 16.97 -14.23 -0.26
N LEU A 147 16.82 -13.54 0.86
CA LEU A 147 16.29 -14.17 2.06
C LEU A 147 14.77 -14.07 2.11
N VAL A 148 14.17 -13.37 1.16
CA VAL A 148 12.72 -13.17 1.16
C VAL A 148 11.95 -13.38 -0.16
N GLU A 149 10.87 -14.14 -0.08
CA GLU A 149 9.99 -14.36 -1.23
C GLU A 149 8.66 -13.83 -0.71
N VAL A 150 8.07 -12.89 -1.44
CA VAL A 150 6.80 -12.31 -1.03
C VAL A 150 5.65 -13.28 -1.28
N PRO A 151 4.51 -13.07 -0.59
CA PRO A 151 3.32 -13.92 -0.75
C PRO A 151 2.93 -14.12 -2.20
N ASP A 152 2.66 -15.37 -2.55
CA ASP A 152 2.24 -15.69 -3.92
C ASP A 152 1.05 -14.86 -4.37
N ILE A 153 0.10 -14.63 -3.49
CA ILE A 153 -1.06 -13.87 -3.88
C ILE A 153 -0.67 -12.47 -4.33
N ALA A 154 0.32 -11.87 -3.67
CA ALA A 154 0.76 -10.53 -4.07
C ALA A 154 1.31 -10.60 -5.48
N LYS A 155 2.14 -11.60 -5.75
CA LYS A 155 2.74 -11.77 -7.07
C LYS A 155 1.72 -12.09 -8.16
N LYS A 156 0.66 -12.80 -7.79
CA LYS A 156 -0.36 -13.17 -8.74
C LYS A 156 -1.17 -11.95 -9.16
N LEU A 157 -1.45 -11.08 -8.20
CA LEU A 157 -2.25 -9.88 -8.45
C LEU A 157 -1.44 -8.69 -8.97
N SER A 158 -0.23 -8.55 -8.46
CA SER A 158 0.61 -7.41 -8.82
C SER A 158 0.64 -6.96 -10.26
N TRP A 159 0.32 -5.68 -10.48
CA TRP A 159 0.37 -5.07 -11.80
C TRP A 159 1.81 -5.11 -12.33
N VAL A 160 2.76 -4.85 -11.45
CA VAL A 160 4.16 -4.84 -11.87
C VAL A 160 4.62 -6.25 -12.26
N GLU A 161 4.13 -7.27 -11.56
CA GLU A 161 4.50 -8.65 -11.90
C GLU A 161 3.87 -9.10 -13.21
N ASN A 162 2.68 -8.59 -13.51
CA ASN A 162 1.98 -9.03 -14.71
C ASN A 162 2.01 -8.20 -16.00
N TYR A 163 2.11 -6.88 -15.90
CA TYR A 163 2.08 -6.09 -17.11
C TYR A 163 3.23 -5.15 -17.38
N TRP A 164 4.32 -5.26 -16.62
CA TRP A 164 5.45 -4.37 -16.84
C TRP A 164 6.38 -5.01 -17.88
N PRO A 165 6.48 -4.40 -19.07
CA PRO A 165 7.31 -4.86 -20.19
C PRO A 165 8.80 -4.89 -19.88
N ASP A 166 9.51 -5.84 -20.50
CA ASP A 166 10.96 -5.96 -20.31
C ASP A 166 11.75 -4.92 -21.13
N ASP A 167 11.06 -4.12 -21.92
CA ASP A 167 11.72 -3.13 -22.77
C ASP A 167 11.22 -1.70 -22.60
N SER A 168 10.85 -1.35 -21.37
CA SER A 168 10.39 0.00 -21.10
C SER A 168 11.59 0.87 -20.72
N VAL A 169 11.50 2.16 -20.99
CA VAL A 169 12.57 3.09 -20.64
C VAL A 169 12.46 3.39 -19.14
N PHE A 170 11.24 3.26 -18.63
CA PHE A 170 11.02 3.55 -17.23
C PHE A 170 11.63 2.48 -16.32
N PRO A 171 12.28 2.88 -15.23
CA PRO A 171 12.85 1.85 -14.36
C PRO A 171 11.67 1.13 -13.65
N LYS A 172 11.81 -0.17 -13.46
CA LYS A 172 10.77 -0.94 -12.81
C LYS A 172 10.66 -0.54 -11.34
N PRO A 173 9.42 -0.31 -10.85
CA PRO A 173 9.28 0.07 -9.45
C PRO A 173 9.54 -1.09 -8.52
N PHE A 174 10.31 -0.84 -7.47
CA PHE A 174 10.61 -1.84 -6.48
C PHE A 174 10.00 -1.38 -5.17
N VAL A 175 8.82 -1.92 -4.90
CA VAL A 175 8.08 -1.58 -3.71
C VAL A 175 7.46 -2.86 -3.15
N GLN A 176 8.13 -3.97 -3.42
CA GLN A 176 7.65 -5.27 -3.00
C GLN A 176 8.28 -5.80 -1.71
N LYS A 177 9.46 -5.31 -1.36
CA LYS A 177 10.10 -5.83 -0.16
C LYS A 177 10.63 -4.76 0.77
N TYR A 178 9.91 -4.53 1.85
CA TYR A 178 10.33 -3.55 2.83
C TYR A 178 10.64 -4.22 4.14
N CYS A 179 11.61 -3.67 4.86
CA CYS A 179 11.98 -4.20 6.16
C CYS A 179 11.59 -3.10 7.12
N LEU A 180 10.76 -3.45 8.09
CA LEU A 180 10.30 -2.49 9.08
C LEU A 180 10.88 -2.76 10.46
N MET A 181 11.46 -1.74 11.07
CA MET A 181 12.01 -1.90 12.40
C MET A 181 11.60 -0.69 13.20
N GLY A 182 10.95 -0.92 14.34
CA GLY A 182 10.53 0.20 15.16
C GLY A 182 10.67 -0.16 16.63
N VAL A 183 10.88 0.86 17.46
CA VAL A 183 10.98 0.62 18.90
C VAL A 183 9.57 0.75 19.48
N GLN A 184 9.37 0.21 20.68
CA GLN A 184 8.09 0.29 21.35
C GLN A 184 7.60 1.74 21.37
N ASP A 185 6.34 1.92 20.99
CA ASP A 185 5.70 3.23 20.95
C ASP A 185 5.95 4.03 19.69
N SER A 186 6.56 3.42 18.68
CA SER A 186 6.73 4.10 17.40
C SER A 186 5.30 4.23 16.91
N TYR A 187 4.99 5.31 16.24
CA TYR A 187 3.64 5.47 15.78
C TYR A 187 3.59 6.16 14.41
N THR A 188 2.85 5.57 13.48
CA THR A 188 2.68 6.13 12.14
C THR A 188 1.23 6.61 12.08
N ASP A 189 1.04 7.90 11.78
CA ASP A 189 -0.29 8.45 11.73
C ASP A 189 -1.14 7.94 10.53
N PHE A 190 -2.43 8.23 10.57
CA PHE A 190 -3.35 7.76 9.53
C PHE A 190 -2.95 8.14 8.11
N HIS A 191 -2.95 7.17 7.20
CA HIS A 191 -2.62 7.49 5.83
C HIS A 191 -3.17 6.40 4.92
N ILE A 192 -3.09 6.64 3.61
CA ILE A 192 -3.51 5.69 2.59
C ILE A 192 -2.22 5.35 1.86
N ASP A 193 -1.93 4.08 1.68
CA ASP A 193 -0.69 3.71 1.00
C ASP A 193 -0.59 4.34 -0.36
N PHE A 194 0.62 4.77 -0.70
CA PHE A 194 0.86 5.44 -1.95
C PHE A 194 0.24 4.78 -3.16
N GLY A 195 -0.32 5.61 -4.03
CA GLY A 195 -0.97 5.15 -5.24
C GLY A 195 -2.18 4.27 -5.02
N GLY A 196 -2.69 4.21 -3.80
CA GLY A 196 -3.83 3.35 -3.54
C GLY A 196 -3.45 1.88 -3.57
N THR A 197 -2.18 1.58 -3.31
CA THR A 197 -1.75 0.19 -3.33
C THR A 197 -2.32 -0.58 -2.16
N SER A 198 -2.32 -1.90 -2.33
CA SER A 198 -2.75 -2.83 -1.28
C SER A 198 -1.42 -3.23 -0.65
N VAL A 199 -1.44 -3.79 0.54
CA VAL A 199 -0.19 -4.16 1.18
C VAL A 199 -0.30 -5.49 1.90
N TRP A 200 0.82 -6.20 2.02
CA TRP A 200 0.85 -7.43 2.76
C TRP A 200 1.84 -7.07 3.85
N TYR A 201 1.60 -7.54 5.05
CA TYR A 201 2.42 -7.16 6.17
C TYR A 201 2.56 -8.35 7.11
N HIS A 202 3.80 -8.71 7.41
CA HIS A 202 4.10 -9.85 8.26
C HIS A 202 5.06 -9.49 9.43
N VAL A 203 4.65 -9.79 10.65
CA VAL A 203 5.47 -9.49 11.82
C VAL A 203 6.40 -10.65 12.12
N LEU A 204 7.71 -10.44 12.05
CA LEU A 204 8.65 -11.54 12.34
C LEU A 204 8.70 -11.77 13.85
N TRP A 205 8.86 -10.69 14.62
CA TRP A 205 8.85 -10.73 16.08
C TRP A 205 8.43 -9.37 16.59
N GLY A 206 7.85 -9.35 17.78
CA GLY A 206 7.38 -8.09 18.34
C GLY A 206 5.89 -8.02 18.03
N GLU A 207 5.30 -6.84 18.08
CA GLU A 207 3.87 -6.71 17.83
C GLU A 207 3.48 -5.36 17.26
N LYS A 208 2.56 -5.37 16.30
CA LYS A 208 2.08 -4.14 15.68
C LYS A 208 0.58 -4.10 15.86
N ILE A 209 0.03 -2.91 16.06
CA ILE A 209 -1.41 -2.72 16.21
C ILE A 209 -1.86 -1.72 15.14
N PHE A 210 -2.71 -2.16 14.22
CA PHE A 210 -3.22 -1.30 13.16
C PHE A 210 -4.59 -0.71 13.51
N TYR A 211 -4.80 0.54 13.17
CA TYR A 211 -6.08 1.22 13.39
C TYR A 211 -6.62 1.41 11.98
N LEU A 212 -7.65 0.65 11.65
CA LEU A 212 -8.23 0.61 10.31
C LEU A 212 -9.51 1.36 10.09
N ILE A 213 -9.58 2.11 8.99
CA ILE A 213 -10.77 2.88 8.68
C ILE A 213 -11.19 2.65 7.22
N LYS A 214 -12.46 2.25 7.07
CA LYS A 214 -13.03 1.94 5.76
C LYS A 214 -13.11 3.11 4.81
N PRO A 215 -12.71 2.89 3.56
CA PRO A 215 -12.75 4.00 2.61
C PRO A 215 -14.12 4.36 2.04
N THR A 216 -15.08 4.68 2.90
CA THR A 216 -16.42 5.09 2.42
C THR A 216 -16.23 6.47 1.81
N ASP A 217 -17.14 6.91 0.96
CA ASP A 217 -17.01 8.24 0.37
C ASP A 217 -16.91 9.33 1.42
N GLU A 218 -17.55 9.11 2.57
CA GLU A 218 -17.54 10.07 3.67
C GLU A 218 -16.15 10.12 4.30
N ASN A 219 -15.62 8.94 4.61
CA ASN A 219 -14.31 8.86 5.20
C ASN A 219 -13.17 9.39 4.32
N LEU A 220 -13.23 9.12 3.03
CA LEU A 220 -12.19 9.64 2.15
C LEU A 220 -12.24 11.18 2.22
N ALA A 221 -13.41 11.75 1.95
CA ALA A 221 -13.58 13.19 1.98
C ALA A 221 -13.01 13.81 3.25
N ARG A 222 -13.34 13.24 4.41
CA ARG A 222 -12.84 13.79 5.67
C ARG A 222 -11.34 13.61 5.84
N TYR A 223 -10.80 12.51 5.31
CA TYR A 223 -9.37 12.26 5.39
C TYR A 223 -8.62 13.32 4.59
N GLU A 224 -9.15 13.66 3.41
CA GLU A 224 -8.52 14.66 2.57
C GLU A 224 -8.63 16.05 3.20
N SER A 225 -9.68 16.28 3.95
CA SER A 225 -9.85 17.55 4.63
C SER A 225 -8.89 17.58 5.82
N TRP A 226 -8.84 16.47 6.55
CA TRP A 226 -7.95 16.36 7.70
C TRP A 226 -6.47 16.49 7.28
N SER A 227 -6.12 15.91 6.13
CA SER A 227 -4.76 15.94 5.58
C SER A 227 -4.32 17.34 5.20
N SER A 228 -5.27 18.18 4.82
CA SER A 228 -4.95 19.54 4.40
C SER A 228 -5.32 20.61 5.44
N SER A 229 -5.31 20.23 6.70
CA SER A 229 -5.63 21.14 7.77
C SER A 229 -4.35 21.26 8.59
N VAL A 230 -4.07 22.45 9.10
CA VAL A 230 -2.83 22.65 9.85
C VAL A 230 -2.83 21.90 11.20
N THR A 231 -4.02 21.72 11.75
CA THR A 231 -4.19 21.01 13.02
C THR A 231 -4.15 19.49 12.90
N GLN A 232 -3.74 18.98 11.74
CA GLN A 232 -3.66 17.54 11.51
C GLN A 232 -2.98 16.75 12.65
N SER A 233 -1.83 17.23 13.13
CA SER A 233 -1.08 16.56 14.20
C SER A 233 -1.73 16.60 15.60
N GLU A 234 -2.75 17.43 15.76
CA GLU A 234 -3.43 17.56 17.05
C GLU A 234 -4.84 16.95 17.05
N VAL A 235 -5.25 16.46 15.88
CA VAL A 235 -6.57 15.86 15.74
C VAL A 235 -6.43 14.38 15.42
N PHE A 236 -6.92 13.54 16.32
CA PHE A 236 -6.87 12.09 16.13
C PHE A 236 -7.90 11.81 15.04
N PHE A 237 -7.44 11.41 13.85
CA PHE A 237 -8.37 11.17 12.76
C PHE A 237 -9.42 10.08 13.05
N GLY A 238 -9.10 9.19 13.98
CA GLY A 238 -10.02 8.12 14.35
C GLY A 238 -11.35 8.65 14.91
N ASP A 239 -11.32 9.86 15.47
CA ASP A 239 -12.49 10.48 16.06
C ASP A 239 -13.40 11.17 15.04
N LYS A 240 -12.94 11.29 13.81
CA LYS A 240 -13.74 11.95 12.79
C LYS A 240 -14.61 11.01 11.94
N VAL A 241 -14.61 9.72 12.27
CA VAL A 241 -15.39 8.75 11.52
C VAL A 241 -16.19 7.84 12.45
N ASP A 242 -17.19 7.16 11.89
CA ASP A 242 -18.04 6.29 12.69
C ASP A 242 -17.29 5.17 13.39
N LYS A 243 -16.39 4.48 12.68
CA LYS A 243 -15.64 3.40 13.32
C LYS A 243 -14.17 3.28 12.90
N CYS A 244 -13.32 3.13 13.91
CA CYS A 244 -11.87 3.00 13.73
C CYS A 244 -11.55 1.65 14.32
N TYR A 245 -11.30 0.65 13.46
CA TYR A 245 -11.05 -0.72 13.92
C TYR A 245 -9.62 -1.03 14.37
N LYS A 246 -9.49 -1.65 15.53
CA LYS A 246 -8.20 -2.01 16.03
C LYS A 246 -7.86 -3.45 15.68
N CYS A 247 -6.73 -3.64 15.00
CA CYS A 247 -6.29 -4.97 14.59
C CYS A 247 -4.90 -5.27 15.13
N VAL A 248 -4.81 -6.23 16.04
CA VAL A 248 -3.53 -6.60 16.62
C VAL A 248 -2.84 -7.62 15.75
N VAL A 249 -1.65 -7.30 15.26
CA VAL A 249 -0.89 -8.21 14.41
C VAL A 249 0.27 -8.81 15.21
N LYS A 250 0.13 -10.08 15.61
CA LYS A 250 1.17 -10.71 16.41
C LYS A 250 2.18 -11.46 15.57
N GLN A 251 3.29 -11.80 16.21
CA GLN A 251 4.35 -12.54 15.56
C GLN A 251 3.82 -13.73 14.77
N GLY A 252 4.34 -13.90 13.55
CA GLY A 252 3.93 -15.00 12.70
C GLY A 252 2.68 -14.75 11.87
N HIS A 253 1.90 -13.73 12.24
CA HIS A 253 0.70 -13.40 11.51
C HIS A 253 0.97 -12.54 10.27
N THR A 254 0.09 -12.65 9.27
CA THR A 254 0.21 -11.89 8.04
C THR A 254 -1.10 -11.16 7.74
N LEU A 255 -1.02 -9.83 7.59
CA LEU A 255 -2.20 -9.02 7.31
C LEU A 255 -2.17 -8.45 5.89
N PHE A 256 -3.30 -8.51 5.17
CA PHE A 256 -3.40 -7.95 3.81
C PHE A 256 -4.42 -6.82 3.87
N VAL A 257 -4.00 -5.61 3.54
CA VAL A 257 -4.87 -4.46 3.57
C VAL A 257 -5.17 -4.04 2.14
N PRO A 258 -6.46 -3.95 1.78
CA PRO A 258 -6.83 -3.55 0.42
C PRO A 258 -6.86 -2.06 0.10
N THR A 259 -7.04 -1.78 -1.18
CA THR A 259 -7.09 -0.46 -1.74
C THR A 259 -7.85 0.58 -0.94
N GLY A 260 -7.23 1.75 -0.76
CA GLY A 260 -7.86 2.86 -0.07
C GLY A 260 -8.05 2.86 1.43
N TRP A 261 -7.81 1.74 2.10
CA TRP A 261 -8.01 1.73 3.53
C TRP A 261 -7.08 2.71 4.25
N ILE A 262 -7.69 3.52 5.10
CA ILE A 262 -7.00 4.52 5.90
C ILE A 262 -6.55 3.83 7.17
N HIS A 263 -5.26 3.93 7.52
CA HIS A 263 -4.81 3.28 8.74
C HIS A 263 -3.62 3.94 9.42
N ALA A 264 -3.51 3.71 10.73
CA ALA A 264 -2.41 4.22 11.55
C ALA A 264 -1.83 2.97 12.19
N VAL A 265 -0.59 3.04 12.63
CA VAL A 265 0.05 1.87 13.21
C VAL A 265 0.85 2.19 14.47
N LEU A 266 0.70 1.33 15.49
CA LEU A 266 1.44 1.51 16.73
C LEU A 266 2.31 0.29 16.98
N THR A 267 3.60 0.52 17.18
CA THR A 267 4.53 -0.57 17.48
C THR A 267 4.37 -0.76 18.99
N SER A 268 3.57 -1.74 19.38
CA SER A 268 3.32 -1.96 20.80
C SER A 268 4.52 -2.50 21.55
N GLN A 269 5.48 -3.02 20.79
CA GLN A 269 6.72 -3.52 21.37
C GLN A 269 7.76 -3.68 20.28
N ASP A 270 9.04 -3.55 20.63
CA ASP A 270 10.13 -3.67 19.66
C ASP A 270 9.76 -4.66 18.58
N CYS A 271 9.77 -4.20 17.34
CA CYS A 271 9.33 -5.04 16.25
C CYS A 271 10.10 -5.02 14.93
N MET A 272 10.14 -6.19 14.29
CA MET A 272 10.73 -6.30 12.97
C MET A 272 9.66 -6.96 12.14
N ALA A 273 9.32 -6.36 11.01
CA ALA A 273 8.31 -6.92 10.14
C ALA A 273 8.73 -6.74 8.68
N PHE A 274 8.07 -7.45 7.78
CA PHE A 274 8.32 -7.31 6.34
C PHE A 274 6.97 -7.05 5.68
N GLY A 275 6.99 -6.29 4.61
CA GLY A 275 5.76 -6.00 3.91
C GLY A 275 6.02 -5.57 2.49
N GLY A 276 4.94 -5.37 1.72
CA GLY A 276 5.06 -4.98 0.34
C GLY A 276 3.78 -4.38 -0.22
N ASN A 277 3.93 -3.61 -1.28
CA ASN A 277 2.82 -2.94 -1.92
C ASN A 277 2.59 -3.46 -3.33
N PHE A 278 1.34 -3.43 -3.76
CA PHE A 278 1.00 -3.88 -5.11
C PHE A 278 -0.33 -3.33 -5.58
N LEU A 279 -0.39 -3.06 -6.89
CA LEU A 279 -1.60 -2.57 -7.53
C LEU A 279 -2.19 -3.81 -8.19
N HIS A 280 -3.50 -3.83 -8.42
CA HIS A 280 -4.14 -4.99 -9.05
C HIS A 280 -5.42 -4.58 -9.79
N ASN A 281 -6.09 -5.54 -10.41
CA ASN A 281 -7.29 -5.24 -11.19
C ASN A 281 -8.63 -5.24 -10.45
N LEU A 282 -8.66 -5.55 -9.17
CA LEU A 282 -9.93 -5.64 -8.49
C LEU A 282 -10.62 -4.34 -8.08
N ASN A 283 -9.84 -3.29 -7.80
CA ASN A 283 -10.40 -2.01 -7.36
C ASN A 283 -9.70 -0.86 -8.10
N ILE A 284 -9.68 -0.91 -9.43
CA ILE A 284 -9.00 0.11 -10.20
C ILE A 284 -9.55 1.51 -9.91
N GLY A 285 -10.87 1.62 -9.90
CA GLY A 285 -11.49 2.90 -9.61
C GLY A 285 -10.94 3.52 -8.34
N MET A 286 -10.93 2.76 -7.25
CA MET A 286 -10.42 3.25 -5.98
C MET A 286 -8.92 3.59 -6.09
N GLN A 287 -8.14 2.78 -6.80
CA GLN A 287 -6.72 3.07 -6.95
C GLN A 287 -6.55 4.41 -7.65
N LEU A 288 -7.34 4.65 -8.70
CA LEU A 288 -7.27 5.91 -9.41
C LEU A 288 -7.69 7.07 -8.50
N ARG A 289 -8.73 6.85 -7.71
CA ARG A 289 -9.20 7.87 -6.77
C ARG A 289 -8.11 8.26 -5.77
N CYS A 290 -7.40 7.28 -5.25
CA CYS A 290 -6.35 7.56 -4.29
C CYS A 290 -5.19 8.27 -4.95
N TYR A 291 -4.90 7.90 -6.19
CA TYR A 291 -3.81 8.55 -6.88
C TYR A 291 -4.13 10.03 -7.04
N GLU A 292 -5.32 10.35 -7.54
N GLU A 292 -5.33 10.34 -7.54
CA GLU A 292 -5.72 11.74 -7.75
CA GLU A 292 -5.73 11.73 -7.74
C GLU A 292 -5.73 12.53 -6.45
C GLU A 292 -5.75 12.54 -6.45
N MET A 293 -6.14 11.91 -5.35
CA MET A 293 -6.18 12.61 -4.09
C MET A 293 -4.75 12.98 -3.70
N GLU A 294 -3.85 12.02 -3.84
CA GLU A 294 -2.46 12.24 -3.52
C GLU A 294 -1.91 13.40 -4.32
N LYS A 295 -2.29 13.51 -5.58
CA LYS A 295 -1.80 14.64 -6.38
C LYS A 295 -2.35 15.95 -5.86
N ARG A 296 -3.57 15.96 -5.35
CA ARG A 296 -4.16 17.19 -4.80
C ARG A 296 -3.49 17.59 -3.49
N LEU A 297 -3.14 16.61 -2.67
CA LEU A 297 -2.49 16.86 -1.40
C LEU A 297 -0.99 17.00 -1.56
N LYS A 298 -0.50 16.77 -2.79
CA LYS A 298 0.93 16.84 -3.08
C LYS A 298 1.74 15.97 -2.11
N THR A 299 1.34 14.70 -1.99
CA THR A 299 1.98 13.73 -1.10
C THR A 299 3.37 13.25 -1.54
N PRO A 300 4.36 13.31 -0.64
CA PRO A 300 5.73 12.89 -0.93
C PRO A 300 5.85 11.38 -1.23
N ASP A 301 4.82 10.61 -0.87
CA ASP A 301 4.81 9.15 -1.11
C ASP A 301 4.76 8.78 -2.58
N LEU A 302 4.09 9.62 -3.37
CA LEU A 302 3.98 9.40 -4.81
C LEU A 302 5.36 9.21 -5.44
N PHE A 303 6.40 9.64 -4.73
CA PHE A 303 7.77 9.51 -5.21
C PHE A 303 8.24 8.04 -5.20
N LYS A 304 7.48 7.17 -4.53
CA LYS A 304 7.82 5.75 -4.45
C LYS A 304 7.28 4.95 -5.65
N PHE A 305 6.18 5.42 -6.21
CA PHE A 305 5.60 4.78 -7.40
C PHE A 305 5.55 5.94 -8.38
N PRO A 306 6.73 6.38 -8.86
CA PRO A 306 6.86 7.51 -9.81
C PRO A 306 6.14 7.31 -11.13
N PHE A 307 6.13 6.07 -11.61
CA PHE A 307 5.52 5.81 -12.90
C PHE A 307 4.19 5.10 -12.81
N PHE A 308 3.36 5.56 -11.88
CA PHE A 308 2.02 5.03 -11.70
C PHE A 308 1.25 5.17 -13.00
N GLU A 309 1.39 6.32 -13.65
CA GLU A 309 0.67 6.53 -14.90
C GLU A 309 1.13 5.62 -16.02
N ALA A 310 2.43 5.33 -16.09
CA ALA A 310 2.94 4.44 -17.12
C ALA A 310 2.32 3.05 -16.97
N ILE A 311 2.33 2.50 -15.75
CA ILE A 311 1.76 1.17 -15.57
C ILE A 311 0.26 1.16 -15.90
N CYS A 312 -0.45 2.26 -15.62
CA CYS A 312 -1.87 2.37 -15.96
C CYS A 312 -2.06 2.23 -17.46
N TRP A 313 -1.14 2.80 -18.25
CA TRP A 313 -1.23 2.70 -19.70
C TRP A 313 -1.00 1.24 -20.12
N PHE A 314 -0.01 0.60 -19.53
CA PHE A 314 0.28 -0.79 -19.84
C PHE A 314 -0.92 -1.67 -19.54
N VAL A 315 -1.53 -1.43 -18.38
CA VAL A 315 -2.71 -2.18 -17.95
C VAL A 315 -3.89 -1.95 -18.90
N ALA A 316 -4.09 -0.72 -19.33
CA ALA A 316 -5.20 -0.43 -20.25
C ALA A 316 -5.10 -1.22 -21.55
N LYS A 317 -3.87 -1.55 -21.96
CA LYS A 317 -3.68 -2.31 -23.18
C LYS A 317 -4.10 -3.75 -22.93
N ASN A 318 -3.70 -4.30 -21.80
CA ASN A 318 -4.07 -5.67 -21.50
C ASN A 318 -5.56 -5.83 -21.25
N LEU A 319 -6.16 -4.88 -20.54
CA LEU A 319 -7.59 -4.97 -20.27
C LEU A 319 -8.38 -4.79 -21.56
N LEU A 320 -7.86 -3.98 -22.48
CA LEU A 320 -8.53 -3.79 -23.77
C LEU A 320 -8.61 -5.14 -24.49
N GLU A 321 -7.48 -5.82 -24.55
CA GLU A 321 -7.39 -7.12 -25.20
C GLU A 321 -8.42 -8.12 -24.64
N THR A 322 -8.48 -8.25 -23.32
CA THR A 322 -9.42 -9.16 -22.69
C THR A 322 -10.87 -8.84 -23.09
N LEU A 323 -11.27 -7.58 -22.99
CA LEU A 323 -12.62 -7.17 -23.35
C LEU A 323 -12.91 -7.42 -24.83
N LYS A 324 -11.91 -7.18 -25.68
CA LYS A 324 -12.08 -7.44 -27.12
C LYS A 324 -12.30 -8.93 -27.35
N GLU A 325 -11.52 -9.76 -26.66
CA GLU A 325 -11.66 -11.19 -26.82
C GLU A 325 -13.03 -11.66 -26.36
N LEU A 326 -13.48 -11.14 -25.24
CA LEU A 326 -14.78 -11.53 -24.72
C LEU A 326 -15.90 -11.04 -25.66
N ARG A 327 -15.85 -9.79 -26.07
CA ARG A 327 -16.88 -9.27 -26.96
C ARG A 327 -17.00 -10.09 -28.24
N GLU A 328 -15.89 -10.24 -28.96
CA GLU A 328 -15.92 -10.97 -30.23
C GLU A 328 -16.36 -12.43 -30.13
N ASP A 329 -16.63 -12.91 -28.94
CA ASP A 329 -17.07 -14.30 -28.80
C ASP A 329 -18.41 -14.37 -28.06
N GLY A 330 -19.12 -13.25 -28.03
CA GLY A 330 -20.42 -13.18 -27.38
C GLY A 330 -20.50 -13.20 -25.86
N PHE A 331 -19.39 -13.02 -25.16
CA PHE A 331 -19.43 -13.04 -23.71
C PHE A 331 -19.49 -11.64 -23.06
N GLN A 332 -20.04 -11.59 -21.86
CA GLN A 332 -20.17 -10.35 -21.09
C GLN A 332 -19.11 -10.44 -20.00
N PRO A 333 -18.29 -9.39 -19.85
CA PRO A 333 -17.23 -9.40 -18.82
C PRO A 333 -17.82 -9.29 -17.45
N GLN A 334 -17.03 -9.65 -16.44
CA GLN A 334 -17.47 -9.53 -15.05
C GLN A 334 -17.66 -8.04 -14.71
N THR A 335 -18.55 -7.76 -13.77
CA THR A 335 -18.80 -6.37 -13.39
C THR A 335 -17.58 -5.56 -12.98
N TYR A 336 -16.80 -6.06 -12.04
CA TYR A 336 -15.64 -5.32 -11.58
C TYR A 336 -14.69 -4.96 -12.72
N LEU A 337 -14.62 -5.79 -13.75
CA LEU A 337 -13.73 -5.51 -14.85
C LEU A 337 -14.26 -4.35 -15.71
N VAL A 338 -15.57 -4.32 -15.91
CA VAL A 338 -16.18 -3.24 -16.68
C VAL A 338 -16.04 -1.91 -15.92
N GLN A 339 -16.30 -1.95 -14.61
CA GLN A 339 -16.19 -0.77 -13.77
C GLN A 339 -14.75 -0.23 -13.81
N GLY A 340 -13.80 -1.13 -13.61
CA GLY A 340 -12.39 -0.79 -13.64
C GLY A 340 -11.96 -0.19 -14.96
N VAL A 341 -12.33 -0.82 -16.07
CA VAL A 341 -11.92 -0.25 -17.35
C VAL A 341 -12.54 1.13 -17.55
N LYS A 342 -13.76 1.30 -17.08
CA LYS A 342 -14.45 2.57 -17.21
C LYS A 342 -13.68 3.65 -16.45
N ALA A 343 -13.26 3.34 -15.23
CA ALA A 343 -12.53 4.32 -14.46
C ALA A 343 -11.20 4.61 -15.12
N LEU A 344 -10.56 3.58 -15.71
CA LEU A 344 -9.29 3.79 -16.39
C LEU A 344 -9.47 4.72 -17.55
N HIS A 345 -10.51 4.47 -18.33
CA HIS A 345 -10.83 5.27 -19.49
C HIS A 345 -10.96 6.75 -19.11
N THR A 346 -11.65 7.01 -18.00
CA THR A 346 -11.85 8.38 -17.53
C THR A 346 -10.52 9.03 -17.16
N ALA A 347 -9.71 8.32 -16.39
CA ALA A 347 -8.40 8.83 -15.97
C ALA A 347 -7.49 9.13 -17.16
N LEU A 348 -7.42 8.21 -18.11
CA LEU A 348 -6.56 8.40 -19.28
C LEU A 348 -6.98 9.60 -20.10
N LYS A 349 -8.29 9.78 -20.23
CA LYS A 349 -8.82 10.89 -20.99
C LYS A 349 -8.47 12.22 -20.31
N LEU A 350 -8.47 12.20 -18.98
CA LEU A 350 -8.16 13.39 -18.21
C LEU A 350 -6.72 13.80 -18.45
N TRP A 351 -5.80 12.86 -18.28
CA TRP A 351 -4.39 13.13 -18.46
C TRP A 351 -4.04 13.61 -19.86
N MET A 352 -4.90 13.34 -20.82
CA MET A 352 -4.65 13.76 -22.19
C MET A 352 -5.29 15.09 -22.57
N LYS A 353 -6.04 15.70 -21.65
CA LYS A 353 -6.65 17.00 -21.94
C LYS A 353 -5.56 17.98 -22.35
N LYS A 354 -5.85 18.78 -23.38
CA LYS A 354 -4.91 19.76 -23.91
C LYS A 354 -4.23 20.60 -22.81
N GLU A 355 -5.03 21.09 -21.87
CA GLU A 355 -4.51 21.93 -20.80
C GLU A 355 -3.82 21.19 -19.68
N LEU A 356 -3.62 19.89 -19.84
CA LEU A 356 -2.98 19.11 -18.79
C LEU A 356 -1.95 18.13 -19.32
N VAL A 357 -2.08 17.75 -20.58
CA VAL A 357 -1.18 16.77 -21.18
C VAL A 357 0.30 17.07 -21.04
N SER A 358 0.68 18.34 -20.88
CA SER A 358 2.10 18.65 -20.77
C SER A 358 2.72 18.09 -19.49
N GLU A 359 1.90 17.80 -18.48
CA GLU A 359 2.47 17.27 -17.26
C GLU A 359 2.33 15.75 -17.20
N HIS A 360 1.73 15.16 -18.24
CA HIS A 360 1.49 13.72 -18.31
C HIS A 360 2.18 12.97 -19.44
N ALA A 361 2.53 13.68 -20.50
CA ALA A 361 3.14 13.09 -21.67
C ALA A 361 4.37 12.23 -21.44
N PHE A 362 5.22 12.61 -20.50
CA PHE A 362 6.43 11.82 -20.28
C PHE A 362 6.18 10.41 -19.73
N GLU A 363 4.99 10.15 -19.23
CA GLU A 363 4.73 8.81 -18.71
C GLU A 363 4.07 7.87 -19.72
N ILE A 364 3.74 8.39 -20.90
CA ILE A 364 3.15 7.56 -21.95
C ILE A 364 4.24 6.68 -22.57
N PRO A 365 4.12 5.36 -22.40
CA PRO A 365 5.07 4.38 -22.93
C PRO A 365 5.36 4.56 -24.42
N ASP A 366 6.57 4.25 -24.83
CA ASP A 366 6.93 4.37 -26.25
C ASP A 366 5.96 3.50 -27.06
N ASN A 367 5.70 2.29 -26.57
CA ASN A 367 4.83 1.33 -27.24
C ASN A 367 3.31 1.57 -27.26
N VAL A 368 2.81 2.69 -26.77
CA VAL A 368 1.36 2.86 -26.83
C VAL A 368 0.97 4.09 -27.61
N ARG A 369 -0.21 4.03 -28.22
CA ARG A 369 -0.71 5.16 -28.98
C ARG A 369 -1.86 5.68 -28.15
N PRO A 370 -1.58 6.68 -27.31
CA PRO A 370 -2.54 7.32 -26.41
C PRO A 370 -3.94 7.57 -26.96
N GLY A 371 -4.02 8.41 -27.99
CA GLY A 371 -5.31 8.75 -28.57
C GLY A 371 -6.09 7.57 -29.09
N HIS A 372 -5.39 6.60 -29.68
CA HIS A 372 -6.04 5.41 -30.22
C HIS A 372 -6.54 4.48 -29.12
N LEU A 373 -5.68 4.22 -28.14
CA LEU A 373 -6.02 3.36 -27.01
C LEU A 373 -7.25 3.87 -26.30
N ILE A 374 -7.43 5.19 -26.26
CA ILE A 374 -8.58 5.77 -25.62
C ILE A 374 -9.84 5.58 -26.45
N LYS A 375 -9.70 5.64 -27.77
CA LYS A 375 -10.85 5.47 -28.67
C LYS A 375 -11.36 4.02 -28.59
N GLU A 376 -10.44 3.08 -28.70
CA GLU A 376 -10.77 1.67 -28.65
C GLU A 376 -11.48 1.37 -27.34
N LEU A 377 -10.96 1.93 -26.27
CA LEU A 377 -11.53 1.75 -24.94
C LEU A 377 -12.93 2.32 -24.87
N SER A 378 -13.10 3.52 -25.42
CA SER A 378 -14.38 4.21 -25.42
C SER A 378 -15.49 3.42 -26.12
N LYS A 379 -15.18 2.76 -27.23
CA LYS A 379 -16.20 2.00 -27.95
C LYS A 379 -16.45 0.63 -27.35
N VAL A 380 -15.40 -0.03 -26.89
CA VAL A 380 -15.58 -1.35 -26.28
C VAL A 380 -16.51 -1.15 -25.09
N ILE A 381 -16.37 -0.02 -24.40
CA ILE A 381 -17.22 0.27 -23.25
C ILE A 381 -18.64 0.55 -23.72
N ARG A 382 -18.78 1.49 -24.64
CA ARG A 382 -20.09 1.87 -25.17
C ARG A 382 -20.86 0.62 -25.60
N ALA A 383 -20.20 -0.24 -26.37
CA ALA A 383 -20.81 -1.48 -26.86
C ALA A 383 -21.36 -2.29 -25.68
N ILE A 384 -20.51 -2.53 -24.68
CA ILE A 384 -20.93 -3.30 -23.53
C ILE A 384 -22.11 -2.61 -22.85
N GLU A 385 -22.16 -1.28 -22.92
CA GLU A 385 -23.24 -0.52 -22.30
C GLU A 385 -24.55 -0.67 -23.08
N GLU A 386 -24.47 -0.73 -24.41
CA GLU A 386 -25.67 -0.87 -25.24
C GLU A 386 -26.13 -2.33 -25.27
N GLU A 387 -25.23 -3.22 -25.67
CA GLU A 387 -25.52 -4.66 -25.73
C GLU A 387 -25.74 -5.18 -24.31
N ASN A 388 -26.41 -4.35 -23.50
CA ASN A 388 -26.70 -4.66 -22.12
C ASN A 388 -27.67 -3.62 -21.54
#